data_7D2K
#
_entry.id   7D2K
#
_cell.length_a   146.228
_cell.length_b   146.228
_cell.length_c   114.648
_cell.angle_alpha   90.00
_cell.angle_beta   90.00
_cell.angle_gamma   90.00
#
_symmetry.space_group_name_H-M   'P 4 21 2'
#
loop_
_entity.id
_entity.type
_entity.pdbx_description
1 polymer 'Transient receptor potential cation channel subfamily V member 6'
2 non-polymer 'CALCIUM ION'
3 non-polymer 1-(5-bromanylpyridin-3-yl)-4-[4-(3-methylphenyl)cyclohexyl]piperazin-4-ium
#
_entity_poly.entity_id   1
_entity_poly.type   'polypeptide(L)'
_entity_poly.pdbx_seq_one_letter_code
;MGWSLPKEKGLILCLWNKFCRWFHRRESWAQSRDEQNLLQQKRIWESPLLLAAKENNVQALYKLLKFEGCEVHQKGAMGE
TALHIAALYDNNEAAQVLMEAAPELVFEPMTSELYEGQTALHIAVINQNVNLVRALLARGASVSARATGSVFHYRPHNLI
YYGEHPLSFAACVGSEEIVRLLIEHGADIRAQDSLGNTVLHILILQPNKTFACQMYNLLLSYDGGDHLKSLELVPNNQGL
TPFKLAGVEGNIVMFQHLMQKRKHIQWTYGPLTSTLYDLTEIDSSGDDQSLLELIVTTKKREARQILDQTPVKELVSLKW
KRYGRPYFCVLGAIYVLYIICFTMCCVYRPLKPRITNRTNPRDNTLLQQKLLQEAYVTPKDDLRLVGELVSIVGAVIILL
VEIPDIFRLGVTRFFGQTILGGPFHVIIVTYAFMVLVTMVMRLTNSDGEVVPMSFALVLGWCNVMYFARGFQMLGPFTIM
IQKMIFGDLMRFCWLMAVVILGFASAFYIIFQTEDPDELGHFYDYPMALFSTFELFLTIIDGPANYDVDLPFMYSITYAA
FAIIATLLMLNLLIAMMGDTHWRVAHERDELWRAQVVATTVMLERKLPRCLWPRSGICGREYGLGDRWFLRVEDRQDLNR
QRIRRYAQAFQQQDDLYSEDLEKDSGEKLVPR
;
_entity_poly.pdbx_strand_id   A
#
# COMPACT_ATOMS: atom_id res chain seq x y z
N TRP A 29 2.18 -22.95 -11.54
CA TRP A 29 0.82 -23.48 -11.47
C TRP A 29 0.09 -23.32 -12.80
N ALA A 30 0.47 -22.28 -13.56
CA ALA A 30 -0.23 -21.95 -14.80
C ALA A 30 -0.17 -23.06 -15.84
N GLN A 31 0.61 -24.11 -15.62
CA GLN A 31 0.68 -25.20 -16.59
C GLN A 31 -0.67 -25.87 -16.78
N SER A 32 -1.50 -25.92 -15.73
CA SER A 32 -2.81 -26.56 -15.83
C SER A 32 -3.62 -25.97 -16.98
N ARG A 33 -3.96 -24.68 -16.88
CA ARG A 33 -4.70 -24.03 -17.95
C ARG A 33 -3.92 -24.03 -19.25
N ASP A 34 -2.60 -23.93 -19.19
CA ASP A 34 -1.79 -24.05 -20.40
C ASP A 34 -1.95 -25.42 -21.03
N GLU A 35 -1.81 -26.48 -20.22
CA GLU A 35 -2.04 -27.83 -20.72
C GLU A 35 -3.49 -28.03 -21.12
N GLN A 36 -4.43 -27.50 -20.32
CA GLN A 36 -5.84 -27.65 -20.63
C GLN A 36 -6.19 -26.96 -21.94
N ASN A 37 -5.73 -25.72 -22.12
CA ASN A 37 -5.93 -25.04 -23.40
C ASN A 37 -5.26 -25.80 -24.54
N LEU A 38 -4.13 -26.46 -24.27
CA LEU A 38 -3.55 -27.35 -25.27
C LEU A 38 -4.35 -28.64 -25.38
N LEU A 39 -4.80 -29.18 -24.25
CA LEU A 39 -5.69 -30.33 -24.28
C LEU A 39 -7.03 -29.96 -24.89
N GLN A 40 -7.45 -28.70 -24.77
CA GLN A 40 -8.66 -28.24 -25.42
C GLN A 40 -8.54 -28.39 -26.94
N GLN A 41 -7.54 -27.74 -27.54
CA GLN A 41 -7.39 -27.78 -28.98
C GLN A 41 -7.10 -29.19 -29.49
N LYS A 42 -6.51 -30.04 -28.65
CA LYS A 42 -6.29 -31.43 -29.05
C LYS A 42 -7.62 -32.14 -29.28
N ARG A 43 -8.53 -32.04 -28.31
CA ARG A 43 -9.83 -32.71 -28.45
C ARG A 43 -10.67 -32.09 -29.55
N ILE A 44 -10.50 -30.78 -29.80
CA ILE A 44 -11.14 -30.17 -30.96
C ILE A 44 -10.56 -30.74 -32.25
N TRP A 45 -9.24 -30.88 -32.31
CA TRP A 45 -8.61 -31.52 -33.46
C TRP A 45 -8.94 -33.00 -33.51
N GLU A 46 -9.08 -33.65 -32.36
CA GLU A 46 -9.50 -35.05 -32.31
C GLU A 46 -10.92 -35.20 -32.82
N SER A 47 -11.90 -34.86 -31.97
CA SER A 47 -13.31 -34.96 -32.31
C SER A 47 -13.61 -34.12 -33.54
N PRO A 48 -13.97 -34.75 -34.66
CA PRO A 48 -14.14 -34.00 -35.92
C PRO A 48 -15.32 -33.05 -35.92
N LEU A 49 -16.23 -33.15 -34.94
CA LEU A 49 -17.38 -32.25 -34.91
C LEU A 49 -16.96 -30.82 -34.60
N LEU A 50 -16.28 -30.62 -33.47
CA LEU A 50 -15.86 -29.28 -33.07
C LEU A 50 -14.80 -28.71 -34.00
N LEU A 51 -14.05 -29.56 -34.70
CA LEU A 51 -13.10 -29.07 -35.69
C LEU A 51 -13.82 -28.34 -36.82
N ALA A 52 -14.99 -28.86 -37.23
CA ALA A 52 -15.80 -28.19 -38.23
C ALA A 52 -16.52 -26.97 -37.67
N ALA A 53 -16.92 -27.01 -36.40
CA ALA A 53 -17.53 -25.84 -35.80
C ALA A 53 -16.52 -24.72 -35.57
N LYS A 54 -15.26 -25.09 -35.26
CA LYS A 54 -14.22 -24.09 -35.11
C LYS A 54 -13.90 -23.41 -36.45
N GLU A 55 -13.97 -24.17 -37.54
CA GLU A 55 -13.62 -23.67 -38.86
C GLU A 55 -14.83 -23.30 -39.71
N ASN A 56 -16.05 -23.48 -39.18
CA ASN A 56 -17.28 -23.05 -39.84
C ASN A 56 -17.43 -23.72 -41.22
N ASN A 57 -17.60 -25.03 -41.17
CA ASN A 57 -17.80 -25.84 -42.37
C ASN A 57 -19.23 -26.38 -42.32
N VAL A 58 -20.17 -25.56 -42.78
CA VAL A 58 -21.59 -25.91 -42.67
C VAL A 58 -21.94 -27.06 -43.60
N GLN A 59 -21.27 -27.19 -44.73
CA GLN A 59 -21.57 -28.29 -45.65
C GLN A 59 -21.11 -29.63 -45.09
N ALA A 60 -20.07 -29.62 -44.25
CA ALA A 60 -19.53 -30.88 -43.74
C ALA A 60 -20.28 -31.35 -42.49
N LEU A 61 -20.67 -30.41 -41.61
CA LEU A 61 -21.37 -30.80 -40.39
C LEU A 61 -22.79 -31.28 -40.65
N TYR A 62 -23.42 -30.83 -41.73
CA TYR A 62 -24.72 -31.38 -42.10
C TYR A 62 -24.64 -32.87 -42.41
N LYS A 63 -23.49 -33.31 -42.94
CA LYS A 63 -23.27 -34.73 -43.20
C LYS A 63 -23.12 -35.53 -41.92
N LEU A 64 -22.88 -34.87 -40.78
CA LEU A 64 -22.67 -35.54 -39.51
C LEU A 64 -23.95 -35.69 -38.70
N LEU A 65 -24.78 -34.65 -38.65
CA LEU A 65 -25.94 -34.68 -37.78
C LEU A 65 -27.06 -35.55 -38.33
N LYS A 66 -27.19 -35.63 -39.66
CA LYS A 66 -28.34 -36.27 -40.29
C LYS A 66 -28.00 -37.58 -40.98
N PHE A 67 -26.89 -37.65 -41.71
CA PHE A 67 -26.50 -38.87 -42.39
C PHE A 67 -26.01 -39.90 -41.39
N GLU A 68 -24.75 -39.79 -40.97
CA GLU A 68 -24.17 -40.67 -39.95
C GLU A 68 -24.29 -39.96 -38.61
N GLY A 69 -25.49 -40.02 -38.04
CA GLY A 69 -25.87 -39.31 -36.83
C GLY A 69 -24.81 -39.21 -35.76
N CYS A 70 -24.11 -38.07 -35.73
CA CYS A 70 -23.05 -37.84 -34.75
C CYS A 70 -23.63 -37.55 -33.38
N GLU A 71 -22.85 -37.86 -32.36
CA GLU A 71 -23.23 -37.56 -30.99
C GLU A 71 -23.33 -36.05 -30.81
N VAL A 72 -24.55 -35.51 -30.80
CA VAL A 72 -24.73 -34.07 -30.84
C VAL A 72 -24.21 -33.42 -29.56
N HIS A 73 -24.57 -33.97 -28.41
CA HIS A 73 -24.18 -33.37 -27.14
C HIS A 73 -22.78 -33.78 -26.72
N GLN A 74 -21.81 -33.60 -27.60
CA GLN A 74 -20.41 -33.82 -27.25
C GLN A 74 -19.95 -32.75 -26.27
N LYS A 75 -19.29 -33.18 -25.20
CA LYS A 75 -18.73 -32.29 -24.20
C LYS A 75 -17.21 -32.30 -24.34
N GLY A 76 -16.63 -31.15 -24.65
CA GLY A 76 -15.20 -31.05 -24.88
C GLY A 76 -14.36 -31.14 -23.61
N ALA A 77 -13.26 -30.38 -23.59
CA ALA A 77 -12.34 -30.44 -22.45
C ALA A 77 -12.91 -29.69 -21.25
N MET A 78 -13.24 -28.41 -21.43
CA MET A 78 -13.72 -27.56 -20.36
C MET A 78 -15.23 -27.69 -20.11
N GLY A 79 -15.80 -28.87 -20.34
CA GLY A 79 -17.23 -29.01 -20.22
C GLY A 79 -18.01 -28.11 -21.15
N GLU A 80 -17.42 -27.75 -22.28
CA GLU A 80 -18.02 -26.81 -23.22
C GLU A 80 -18.90 -27.55 -24.23
N THR A 81 -19.72 -26.78 -24.92
CA THR A 81 -20.55 -27.28 -26.00
C THR A 81 -19.93 -26.89 -27.34
N ALA A 82 -20.42 -27.54 -28.40
CA ALA A 82 -20.02 -27.13 -29.75
C ALA A 82 -20.52 -25.73 -30.07
N LEU A 83 -21.62 -25.32 -29.45
CA LEU A 83 -22.10 -23.94 -29.61
C LEU A 83 -21.12 -22.96 -28.96
N HIS A 84 -20.52 -23.34 -27.83
CA HIS A 84 -19.55 -22.48 -27.18
C HIS A 84 -18.33 -22.24 -28.05
N ILE A 85 -17.99 -23.19 -28.92
CA ILE A 85 -16.84 -23.03 -29.79
C ILE A 85 -17.15 -22.06 -30.93
N ALA A 86 -18.33 -22.16 -31.52
CA ALA A 86 -18.71 -21.25 -32.60
C ALA A 86 -18.82 -19.82 -32.13
N ALA A 87 -19.13 -19.61 -30.85
CA ALA A 87 -19.13 -18.26 -30.29
C ALA A 87 -17.73 -17.73 -30.06
N LEU A 88 -16.77 -18.62 -29.77
CA LEU A 88 -15.38 -18.22 -29.60
C LEU A 88 -14.82 -17.71 -30.92
N TYR A 89 -14.41 -18.63 -31.79
CA TYR A 89 -14.08 -18.26 -33.16
C TYR A 89 -15.38 -17.82 -33.84
N ASP A 90 -15.58 -16.50 -33.91
CA ASP A 90 -16.84 -15.91 -34.33
C ASP A 90 -17.35 -16.49 -35.65
N ASN A 91 -18.10 -17.58 -35.57
CA ASN A 91 -18.71 -18.24 -36.72
C ASN A 91 -20.22 -18.28 -36.48
N ASN A 92 -20.90 -17.18 -36.81
CA ASN A 92 -22.33 -17.09 -36.59
C ASN A 92 -23.14 -17.83 -37.65
N GLU A 93 -22.53 -18.17 -38.79
CA GLU A 93 -23.23 -18.93 -39.81
C GLU A 93 -23.34 -20.40 -39.43
N ALA A 94 -22.41 -20.91 -38.64
CA ALA A 94 -22.47 -22.31 -38.20
C ALA A 94 -23.38 -22.47 -36.99
N ALA A 95 -23.30 -21.54 -36.04
CA ALA A 95 -24.16 -21.58 -34.86
C ALA A 95 -25.63 -21.41 -35.22
N GLN A 96 -25.93 -20.77 -36.36
CA GLN A 96 -27.31 -20.68 -36.83
C GLN A 96 -27.89 -22.07 -37.07
N VAL A 97 -27.07 -23.00 -37.54
CA VAL A 97 -27.53 -24.37 -37.75
C VAL A 97 -27.78 -25.06 -36.42
N LEU A 98 -26.87 -24.88 -35.46
CA LEU A 98 -26.98 -25.57 -34.18
C LEU A 98 -28.19 -25.09 -33.39
N MET A 99 -28.59 -23.82 -33.55
CA MET A 99 -29.81 -23.35 -32.91
C MET A 99 -31.05 -23.96 -33.56
N GLU A 100 -31.02 -24.10 -34.88
CA GLU A 100 -32.14 -24.65 -35.61
C GLU A 100 -32.24 -26.18 -35.48
N ALA A 101 -31.17 -26.83 -35.05
CA ALA A 101 -31.17 -28.27 -34.88
C ALA A 101 -31.22 -28.69 -33.41
N ALA A 102 -30.86 -27.80 -32.49
CA ALA A 102 -30.88 -28.08 -31.06
C ALA A 102 -30.88 -26.78 -30.28
N PRO A 103 -32.04 -26.16 -30.07
CA PRO A 103 -32.07 -24.84 -29.44
C PRO A 103 -32.00 -24.87 -27.92
N GLU A 104 -31.57 -26.00 -27.34
CA GLU A 104 -31.46 -26.12 -25.89
C GLU A 104 -30.01 -26.03 -25.40
N LEU A 105 -29.03 -26.06 -26.31
CA LEU A 105 -27.63 -25.89 -25.92
C LEU A 105 -27.35 -24.50 -25.38
N VAL A 106 -28.26 -23.53 -25.59
CA VAL A 106 -28.05 -22.19 -25.07
C VAL A 106 -28.11 -22.18 -23.55
N PHE A 107 -28.89 -23.10 -22.97
CA PHE A 107 -29.03 -23.19 -21.51
C PHE A 107 -27.90 -23.98 -20.86
N GLU A 108 -26.93 -24.47 -21.63
CA GLU A 108 -25.88 -25.32 -21.09
C GLU A 108 -24.68 -24.46 -20.71
N PRO A 109 -24.33 -24.36 -19.43
CA PRO A 109 -23.10 -23.66 -19.05
C PRO A 109 -21.91 -24.59 -19.04
N MET A 110 -20.72 -23.99 -19.05
CA MET A 110 -19.49 -24.76 -18.98
C MET A 110 -19.42 -25.51 -17.66
N THR A 111 -19.20 -26.81 -17.72
CA THR A 111 -19.24 -27.65 -16.54
C THR A 111 -17.89 -27.76 -15.84
N SER A 112 -16.81 -27.32 -16.47
CA SER A 112 -15.50 -27.37 -15.83
C SER A 112 -15.40 -26.33 -14.72
N GLU A 113 -14.30 -26.39 -13.97
CA GLU A 113 -14.08 -25.45 -12.88
C GLU A 113 -13.54 -24.11 -13.38
N LEU A 114 -12.77 -24.14 -14.48
CA LEU A 114 -12.19 -22.90 -14.99
C LEU A 114 -13.24 -21.95 -15.52
N TYR A 115 -14.27 -22.48 -16.18
CA TYR A 115 -15.27 -21.66 -16.85
C TYR A 115 -16.68 -21.94 -16.34
N GLU A 116 -16.81 -22.45 -15.12
CA GLU A 116 -18.11 -22.81 -14.57
C GLU A 116 -19.11 -21.66 -14.66
N GLY A 117 -20.28 -21.96 -15.21
CA GLY A 117 -21.34 -20.98 -15.32
C GLY A 117 -21.35 -20.18 -16.61
N GLN A 118 -20.23 -20.09 -17.32
CA GLN A 118 -20.19 -19.33 -18.56
C GLN A 118 -21.07 -19.99 -19.61
N THR A 119 -21.80 -19.16 -20.35
CA THR A 119 -22.74 -19.63 -21.37
C THR A 119 -22.30 -19.12 -22.74
N ALA A 120 -23.11 -19.45 -23.76
CA ALA A 120 -22.81 -19.00 -25.11
C ALA A 120 -23.03 -17.51 -25.28
N LEU A 121 -23.91 -16.91 -24.47
CA LEU A 121 -24.16 -15.48 -24.57
C LEU A 121 -22.94 -14.67 -24.15
N HIS A 122 -22.23 -15.12 -23.11
CA HIS A 122 -21.06 -14.40 -22.63
C HIS A 122 -20.01 -14.26 -23.73
N ILE A 123 -19.73 -15.36 -24.45
CA ILE A 123 -18.73 -15.31 -25.50
C ILE A 123 -19.20 -14.44 -26.66
N ALA A 124 -20.49 -14.53 -27.01
CA ALA A 124 -21.02 -13.71 -28.08
C ALA A 124 -21.06 -12.24 -27.71
N VAL A 125 -21.21 -11.94 -26.42
CA VAL A 125 -21.18 -10.55 -25.97
C VAL A 125 -19.75 -10.04 -25.89
N ILE A 126 -18.83 -10.87 -25.40
CA ILE A 126 -17.42 -10.47 -25.33
C ILE A 126 -16.89 -10.18 -26.72
N ASN A 127 -17.12 -11.11 -27.67
CA ASN A 127 -16.68 -10.89 -29.04
C ASN A 127 -17.55 -9.88 -29.78
N GLN A 128 -18.64 -9.43 -29.17
CA GLN A 128 -19.51 -8.40 -29.74
C GLN A 128 -20.08 -8.83 -31.09
N ASN A 129 -20.75 -9.98 -31.08
CA ASN A 129 -21.42 -10.53 -32.25
C ASN A 129 -22.91 -10.22 -32.10
N VAL A 130 -23.36 -9.17 -32.79
CA VAL A 130 -24.73 -8.67 -32.58
C VAL A 130 -25.75 -9.67 -33.10
N ASN A 131 -25.64 -10.06 -34.37
CA ASN A 131 -26.61 -11.00 -34.94
C ASN A 131 -26.57 -12.36 -34.25
N LEU A 132 -25.45 -12.71 -33.60
CA LEU A 132 -25.42 -13.92 -32.79
C LEU A 132 -26.16 -13.72 -31.47
N VAL A 133 -25.97 -12.56 -30.82
CA VAL A 133 -26.71 -12.26 -29.60
C VAL A 133 -28.17 -12.01 -29.92
N ARG A 134 -28.45 -11.29 -31.02
CA ARG A 134 -29.83 -11.01 -31.39
C ARG A 134 -30.61 -12.27 -31.74
N ALA A 135 -29.92 -13.35 -32.12
CA ALA A 135 -30.57 -14.62 -32.40
C ALA A 135 -30.68 -15.51 -31.17
N LEU A 136 -29.76 -15.36 -30.21
CA LEU A 136 -29.87 -16.12 -28.97
C LEU A 136 -31.07 -15.67 -28.14
N LEU A 137 -31.41 -14.39 -28.20
CA LEU A 137 -32.55 -13.90 -27.43
C LEU A 137 -33.87 -14.31 -28.06
N ALA A 138 -33.88 -14.51 -29.39
CA ALA A 138 -35.05 -15.06 -30.06
C ALA A 138 -35.33 -16.50 -29.66
N ARG A 139 -34.40 -17.16 -28.98
CA ARG A 139 -34.60 -18.52 -28.49
C ARG A 139 -34.42 -18.64 -26.98
N GLY A 140 -34.26 -17.53 -26.26
CA GLY A 140 -34.23 -17.55 -24.82
C GLY A 140 -32.89 -17.92 -24.20
N ALA A 141 -32.36 -17.02 -23.36
CA ALA A 141 -31.12 -17.28 -22.63
C ALA A 141 -31.15 -16.50 -21.34
N SER A 142 -30.59 -17.10 -20.29
CA SER A 142 -30.59 -16.47 -18.97
C SER A 142 -29.67 -15.26 -18.98
N VAL A 143 -30.25 -14.06 -18.91
CA VAL A 143 -29.46 -12.83 -18.86
C VAL A 143 -28.78 -12.64 -17.52
N SER A 144 -29.11 -13.46 -16.52
CA SER A 144 -28.46 -13.43 -15.22
C SER A 144 -27.56 -14.66 -15.02
N ALA A 145 -27.06 -15.23 -16.12
CA ALA A 145 -26.21 -16.41 -16.06
C ALA A 145 -24.93 -16.12 -15.29
N ARG A 146 -24.89 -16.51 -14.02
CA ARG A 146 -23.76 -16.23 -13.16
C ARG A 146 -22.54 -17.04 -13.57
N ALA A 147 -21.72 -16.49 -14.48
CA ALA A 147 -20.50 -17.15 -14.91
C ALA A 147 -19.49 -17.18 -13.76
N THR A 148 -19.57 -18.22 -12.92
CA THR A 148 -18.72 -18.35 -11.75
C THR A 148 -17.45 -19.13 -12.02
N GLY A 149 -16.94 -19.11 -13.25
CA GLY A 149 -15.71 -19.81 -13.56
C GLY A 149 -14.52 -19.23 -12.81
N SER A 150 -13.53 -20.09 -12.56
CA SER A 150 -12.38 -19.67 -11.75
C SER A 150 -11.57 -18.59 -12.44
N VAL A 151 -11.53 -18.58 -13.78
CA VAL A 151 -10.75 -17.58 -14.50
C VAL A 151 -11.46 -16.24 -14.59
N PHE A 152 -12.73 -16.18 -14.20
CA PHE A 152 -13.48 -14.94 -14.19
C PHE A 152 -13.30 -14.14 -12.91
N HIS A 153 -12.60 -14.68 -11.93
CA HIS A 153 -12.43 -14.01 -10.65
C HIS A 153 -11.43 -12.85 -10.79
N TYR A 154 -11.55 -11.90 -9.87
CA TYR A 154 -10.69 -10.71 -9.85
C TYR A 154 -9.37 -11.10 -9.19
N ARG A 155 -8.43 -11.56 -10.01
CA ARG A 155 -7.12 -12.03 -9.55
C ARG A 155 -6.04 -11.40 -10.41
N PRO A 156 -4.81 -11.34 -9.90
CA PRO A 156 -3.71 -10.81 -10.72
C PRO A 156 -3.41 -11.66 -11.95
N HIS A 157 -3.42 -12.99 -11.81
CA HIS A 157 -3.14 -13.84 -12.95
C HIS A 157 -4.25 -13.80 -13.99
N ASN A 158 -5.46 -13.39 -13.61
CA ASN A 158 -6.52 -13.13 -14.58
C ASN A 158 -6.32 -11.74 -15.16
N LEU A 159 -6.07 -11.67 -16.47
CA LEU A 159 -5.66 -10.42 -17.09
C LEU A 159 -6.75 -9.36 -17.05
N ILE A 160 -8.02 -9.75 -16.95
CA ILE A 160 -9.14 -8.81 -16.86
C ILE A 160 -10.14 -9.34 -15.84
N TYR A 161 -11.11 -8.48 -15.50
CA TYR A 161 -12.24 -8.85 -14.64
C TYR A 161 -13.46 -8.12 -15.17
N TYR A 162 -14.17 -8.75 -16.10
CA TYR A 162 -15.37 -8.17 -16.68
C TYR A 162 -16.64 -8.54 -15.92
N GLY A 163 -16.51 -9.15 -14.74
CA GLY A 163 -17.67 -9.49 -13.94
C GLY A 163 -18.12 -10.92 -14.15
N GLU A 164 -19.39 -11.17 -13.81
CA GLU A 164 -20.00 -12.48 -13.94
C GLU A 164 -21.27 -12.49 -14.77
N HIS A 165 -21.80 -11.32 -15.14
CA HIS A 165 -23.05 -11.23 -15.88
C HIS A 165 -22.80 -10.72 -17.30
N PRO A 166 -23.63 -11.12 -18.26
CA PRO A 166 -23.46 -10.63 -19.63
C PRO A 166 -23.69 -9.14 -19.78
N LEU A 167 -24.44 -8.51 -18.88
CA LEU A 167 -24.58 -7.05 -18.92
C LEU A 167 -23.27 -6.37 -18.55
N SER A 168 -22.56 -6.91 -17.56
CA SER A 168 -21.24 -6.37 -17.22
C SER A 168 -20.28 -6.54 -18.38
N PHE A 169 -20.34 -7.69 -19.08
CA PHE A 169 -19.50 -7.90 -20.25
C PHE A 169 -19.78 -6.85 -21.31
N ALA A 170 -21.05 -6.59 -21.59
CA ALA A 170 -21.41 -5.61 -22.61
C ALA A 170 -20.96 -4.21 -22.21
N ALA A 171 -21.02 -3.90 -20.91
CA ALA A 171 -20.55 -2.61 -20.42
C ALA A 171 -19.04 -2.54 -20.37
N CYS A 172 -18.36 -3.67 -20.14
CA CYS A 172 -16.90 -3.66 -20.09
C CYS A 172 -16.30 -3.52 -21.48
N VAL A 173 -16.77 -4.35 -22.43
CA VAL A 173 -16.29 -4.23 -23.81
C VAL A 173 -16.70 -2.93 -24.46
N GLY A 174 -17.55 -2.14 -23.81
CA GLY A 174 -17.97 -0.86 -24.33
C GLY A 174 -18.82 -0.98 -25.58
N SER A 175 -20.02 -1.53 -25.43
CA SER A 175 -20.94 -1.70 -26.56
C SER A 175 -22.34 -1.34 -26.07
N GLU A 176 -22.78 -0.13 -26.42
CA GLU A 176 -24.11 0.32 -26.01
C GLU A 176 -25.21 -0.55 -26.59
N GLU A 177 -25.00 -1.05 -27.83
CA GLU A 177 -26.03 -1.84 -28.49
C GLU A 177 -26.30 -3.14 -27.76
N ILE A 178 -25.28 -3.74 -27.16
CA ILE A 178 -25.49 -4.96 -26.40
C ILE A 178 -26.07 -4.66 -25.03
N VAL A 179 -25.68 -3.53 -24.43
CA VAL A 179 -26.16 -3.18 -23.09
C VAL A 179 -27.68 -2.99 -23.11
N ARG A 180 -28.19 -2.25 -24.08
CA ARG A 180 -29.62 -1.97 -24.14
C ARG A 180 -30.43 -3.21 -24.54
N LEU A 181 -29.87 -4.05 -25.41
CA LEU A 181 -30.57 -5.28 -25.79
C LEU A 181 -30.73 -6.21 -24.60
N LEU A 182 -29.75 -6.24 -23.70
CA LEU A 182 -29.90 -7.00 -22.45
C LEU A 182 -30.91 -6.33 -21.53
N ILE A 183 -30.90 -5.00 -21.47
CA ILE A 183 -31.93 -4.29 -20.72
C ILE A 183 -33.29 -4.47 -21.37
N GLU A 184 -33.33 -4.52 -22.71
CA GLU A 184 -34.58 -4.79 -23.41
C GLU A 184 -35.11 -6.18 -23.11
N HIS A 185 -34.28 -7.08 -22.59
CA HIS A 185 -34.69 -8.43 -22.23
C HIS A 185 -34.58 -8.68 -20.73
N GLY A 186 -34.67 -7.62 -19.94
CA GLY A 186 -34.76 -7.76 -18.49
C GLY A 186 -33.47 -8.07 -17.78
N ALA A 187 -32.39 -7.37 -18.11
CA ALA A 187 -31.14 -7.53 -17.39
C ALA A 187 -31.18 -6.79 -16.06
N ASP A 188 -30.52 -7.35 -15.07
CA ASP A 188 -30.48 -6.78 -13.73
C ASP A 188 -29.35 -5.75 -13.67
N ILE A 189 -29.71 -4.48 -13.48
CA ILE A 189 -28.70 -3.42 -13.39
C ILE A 189 -27.93 -3.52 -12.08
N ARG A 190 -28.65 -3.60 -10.96
CA ARG A 190 -28.07 -3.72 -9.63
C ARG A 190 -27.71 -5.17 -9.27
N ALA A 191 -27.41 -6.00 -10.25
CA ALA A 191 -26.98 -7.36 -9.96
C ALA A 191 -25.57 -7.36 -9.37
N GLN A 192 -25.44 -7.82 -8.13
CA GLN A 192 -24.13 -7.87 -7.49
C GLN A 192 -23.37 -9.13 -7.92
N ASP A 193 -22.04 -9.02 -7.95
CA ASP A 193 -21.19 -10.16 -8.29
C ASP A 193 -20.96 -11.00 -7.04
N SER A 194 -19.87 -11.77 -7.02
CA SER A 194 -19.52 -12.52 -5.81
C SER A 194 -18.95 -11.59 -4.74
N LEU A 195 -18.18 -10.57 -5.15
CA LEU A 195 -17.56 -9.63 -4.23
C LEU A 195 -18.46 -8.44 -3.92
N GLY A 196 -19.78 -8.60 -4.03
CA GLY A 196 -20.71 -7.54 -3.72
C GLY A 196 -20.67 -6.34 -4.65
N ASN A 197 -19.79 -6.35 -5.65
CA ASN A 197 -19.73 -5.27 -6.62
C ASN A 197 -20.95 -5.32 -7.53
N THR A 198 -21.51 -4.14 -7.82
CA THR A 198 -22.67 -4.05 -8.71
C THR A 198 -22.24 -4.26 -10.15
N VAL A 199 -22.59 -3.31 -11.02
CA VAL A 199 -21.98 -3.21 -12.34
C VAL A 199 -21.20 -1.91 -12.52
N LEU A 200 -21.46 -0.90 -11.68
CA LEU A 200 -20.67 0.33 -11.72
C LEU A 200 -19.30 0.13 -11.09
N HIS A 201 -19.21 -0.74 -10.07
CA HIS A 201 -17.93 -0.98 -9.42
C HIS A 201 -16.91 -1.57 -10.39
N ILE A 202 -17.38 -2.26 -11.42
CA ILE A 202 -16.47 -2.91 -12.37
C ILE A 202 -15.95 -1.91 -13.39
N LEU A 203 -16.79 -0.95 -13.81
CA LEU A 203 -16.36 0.02 -14.82
C LEU A 203 -15.21 0.88 -14.32
N ILE A 204 -15.13 1.12 -13.01
CA ILE A 204 -14.04 1.93 -12.47
C ILE A 204 -12.71 1.20 -12.58
N LEU A 205 -12.73 -0.13 -12.49
CA LEU A 205 -11.51 -0.93 -12.59
C LEU A 205 -11.02 -1.10 -14.03
N GLN A 206 -11.72 -0.52 -15.02
CA GLN A 206 -11.36 -0.67 -16.43
C GLN A 206 -10.36 0.40 -16.85
N PRO A 207 -9.49 0.08 -17.81
CA PRO A 207 -8.49 1.06 -18.26
C PRO A 207 -9.08 2.16 -19.13
N ASN A 208 -9.98 1.79 -20.04
CA ASN A 208 -10.57 2.75 -20.97
C ASN A 208 -11.55 3.67 -20.25
N LYS A 209 -11.04 4.54 -19.39
CA LYS A 209 -11.89 5.48 -18.68
C LYS A 209 -12.54 6.49 -19.61
N THR A 210 -11.94 6.72 -20.78
CA THR A 210 -12.48 7.71 -21.71
C THR A 210 -13.87 7.31 -22.20
N PHE A 211 -14.01 6.08 -22.69
CA PHE A 211 -15.29 5.60 -23.18
C PHE A 211 -16.17 4.98 -22.10
N ALA A 212 -15.58 4.51 -20.99
CA ALA A 212 -16.38 3.93 -19.93
C ALA A 212 -17.19 5.00 -19.20
N CYS A 213 -16.71 6.24 -19.17
CA CYS A 213 -17.49 7.32 -18.58
C CYS A 213 -18.82 7.49 -19.31
N GLN A 214 -18.81 7.37 -20.63
CA GLN A 214 -20.05 7.41 -21.41
C GLN A 214 -20.94 6.21 -21.06
N MET A 215 -20.33 5.04 -20.89
CA MET A 215 -21.12 3.84 -20.58
C MET A 215 -21.73 3.92 -19.19
N TYR A 216 -21.00 4.51 -18.23
CA TYR A 216 -21.52 4.64 -16.87
C TYR A 216 -22.80 5.47 -16.85
N ASN A 217 -22.75 6.67 -17.43
CA ASN A 217 -23.94 7.52 -17.48
C ASN A 217 -25.06 6.84 -18.27
N LEU A 218 -24.70 6.13 -19.34
CA LEU A 218 -25.69 5.38 -20.10
C LEU A 218 -26.28 4.25 -19.25
N LEU A 219 -25.45 3.61 -18.43
CA LEU A 219 -25.96 2.57 -17.54
C LEU A 219 -26.84 3.16 -16.45
N LEU A 220 -26.51 4.36 -15.96
CA LEU A 220 -27.33 5.01 -14.96
C LEU A 220 -28.66 5.50 -15.54
N SER A 221 -28.77 5.57 -16.87
CA SER A 221 -30.03 6.00 -17.48
C SER A 221 -31.15 5.01 -17.20
N TYR A 222 -30.82 3.75 -16.94
CA TYR A 222 -31.81 2.72 -16.62
C TYR A 222 -31.95 2.51 -15.12
N ASP A 223 -31.49 3.47 -14.31
CA ASP A 223 -31.62 3.37 -12.86
C ASP A 223 -33.10 3.34 -12.46
N GLY A 224 -33.34 2.94 -11.21
CA GLY A 224 -34.70 2.90 -10.69
C GLY A 224 -35.44 4.22 -10.76
N GLY A 225 -34.72 5.33 -10.91
CA GLY A 225 -35.33 6.63 -11.07
C GLY A 225 -35.73 7.31 -9.78
N ASP A 226 -35.92 6.57 -8.70
CA ASP A 226 -36.33 7.17 -7.44
C ASP A 226 -35.13 7.77 -6.72
N HIS A 227 -35.42 8.69 -5.79
CA HIS A 227 -34.37 9.35 -5.02
C HIS A 227 -33.65 8.37 -4.10
N LEU A 228 -34.23 7.20 -3.85
CA LEU A 228 -33.62 6.18 -3.01
C LEU A 228 -33.21 4.99 -3.85
N LYS A 229 -32.52 4.04 -3.21
CA LYS A 229 -32.20 2.73 -3.78
C LYS A 229 -31.45 2.82 -5.10
N SER A 230 -30.79 3.94 -5.37
CA SER A 230 -30.04 4.07 -6.62
C SER A 230 -28.77 3.25 -6.58
N LEU A 231 -28.19 3.03 -7.76
CA LEU A 231 -27.00 2.18 -7.86
C LEU A 231 -25.79 2.83 -7.22
N GLU A 232 -25.69 4.15 -7.24
CA GLU A 232 -24.55 4.84 -6.64
C GLU A 232 -24.52 4.74 -5.12
N LEU A 233 -25.55 4.16 -4.50
CA LEU A 233 -25.55 3.90 -3.07
C LEU A 233 -25.29 2.43 -2.73
N VAL A 234 -25.48 1.52 -3.68
CA VAL A 234 -25.24 0.09 -3.46
C VAL A 234 -23.75 -0.11 -3.26
N PRO A 235 -23.32 -0.58 -2.09
CA PRO A 235 -21.90 -0.66 -1.79
C PRO A 235 -21.29 -2.00 -2.20
N ASN A 236 -19.95 -2.04 -2.17
CA ASN A 236 -19.22 -3.29 -2.31
C ASN A 236 -19.50 -4.19 -1.11
N ASN A 237 -19.17 -5.47 -1.25
CA ASN A 237 -19.27 -6.38 -0.11
C ASN A 237 -18.40 -5.90 1.05
N GLN A 238 -17.30 -5.23 0.75
CA GLN A 238 -16.49 -4.56 1.77
C GLN A 238 -16.97 -3.15 2.06
N GLY A 239 -18.19 -2.80 1.64
CA GLY A 239 -18.78 -1.52 1.96
C GLY A 239 -18.18 -0.34 1.24
N LEU A 240 -18.18 -0.38 -0.09
CA LEU A 240 -17.63 0.70 -0.91
C LEU A 240 -18.66 1.11 -1.96
N THR A 241 -19.19 2.32 -1.83
CA THR A 241 -19.99 2.91 -2.89
C THR A 241 -19.09 3.13 -4.11
N PRO A 242 -19.68 3.21 -5.32
CA PRO A 242 -18.84 3.44 -6.50
C PRO A 242 -18.07 4.75 -6.44
N PHE A 243 -18.63 5.77 -5.79
CA PHE A 243 -17.89 7.02 -5.61
C PHE A 243 -16.70 6.84 -4.70
N LYS A 244 -16.85 6.03 -3.64
CA LYS A 244 -15.74 5.77 -2.73
C LYS A 244 -14.68 4.91 -3.40
N LEU A 245 -15.09 3.96 -4.24
CA LEU A 245 -14.13 3.06 -4.89
C LEU A 245 -13.25 3.80 -5.89
N ALA A 246 -13.79 4.84 -6.54
CA ALA A 246 -13.00 5.58 -7.53
C ALA A 246 -11.80 6.26 -6.89
N GLY A 247 -11.92 6.68 -5.64
CA GLY A 247 -10.79 7.31 -4.97
C GLY A 247 -9.71 6.32 -4.60
N VAL A 248 -10.10 5.15 -4.10
CA VAL A 248 -9.13 4.12 -3.74
C VAL A 248 -8.41 3.60 -4.98
N GLU A 249 -9.09 3.60 -6.13
CA GLU A 249 -8.52 3.09 -7.36
C GLU A 249 -7.71 4.14 -8.12
N GLY A 250 -7.75 5.40 -7.70
CA GLY A 250 -7.04 6.45 -8.40
C GLY A 250 -7.56 6.73 -9.79
N ASN A 251 -8.84 6.45 -10.04
CA ASN A 251 -9.45 6.67 -11.35
C ASN A 251 -9.97 8.11 -11.39
N ILE A 252 -9.04 9.04 -11.60
CA ILE A 252 -9.37 10.47 -11.59
C ILE A 252 -10.43 10.79 -12.63
N VAL A 253 -10.37 10.14 -13.79
CA VAL A 253 -11.34 10.41 -14.85
C VAL A 253 -12.74 10.03 -14.37
N MET A 254 -12.92 8.80 -13.90
CA MET A 254 -14.21 8.39 -13.36
C MET A 254 -14.53 9.07 -12.03
N PHE A 255 -13.50 9.52 -11.30
CA PHE A 255 -13.75 10.21 -10.04
C PHE A 255 -14.39 11.58 -10.28
N GLN A 256 -13.81 12.37 -11.19
CA GLN A 256 -14.37 13.68 -11.49
C GLN A 256 -15.72 13.58 -12.20
N HIS A 257 -15.94 12.51 -12.95
CA HIS A 257 -17.23 12.31 -13.58
C HIS A 257 -18.32 12.03 -12.55
N LEU A 258 -17.95 11.43 -11.41
CA LEU A 258 -18.89 11.20 -10.32
C LEU A 258 -19.09 12.43 -9.44
N MET A 259 -18.26 13.47 -9.61
CA MET A 259 -18.38 14.66 -8.79
C MET A 259 -19.50 15.58 -9.24
N GLN A 260 -19.96 15.44 -10.49
CA GLN A 260 -21.01 16.31 -11.00
C GLN A 260 -22.35 16.04 -10.34
N LYS A 261 -22.60 14.78 -9.95
CA LYS A 261 -23.84 14.45 -9.25
C LYS A 261 -23.88 15.10 -7.87
N ARG A 262 -22.72 15.40 -7.29
CA ARG A 262 -22.62 15.92 -5.93
C ARG A 262 -22.36 17.42 -5.88
N LYS A 263 -21.57 17.95 -6.81
CA LYS A 263 -21.24 19.37 -6.76
C LYS A 263 -22.46 20.22 -7.13
N HIS A 264 -22.45 21.46 -6.67
CA HIS A 264 -23.57 22.37 -6.83
C HIS A 264 -23.05 23.75 -7.19
N ILE A 265 -23.55 24.30 -8.29
CA ILE A 265 -23.18 25.63 -8.75
C ILE A 265 -24.03 26.67 -8.03
N GLN A 266 -23.39 27.75 -7.62
CA GLN A 266 -24.07 28.85 -6.92
C GLN A 266 -24.49 29.96 -7.87
N TRP A 267 -23.53 30.63 -8.52
CA TRP A 267 -23.85 31.69 -9.45
C TRP A 267 -22.73 31.86 -10.46
N THR A 268 -23.01 32.63 -11.50
CA THR A 268 -22.09 32.86 -12.62
C THR A 268 -21.71 34.34 -12.63
N TYR A 269 -20.68 34.70 -11.86
CA TYR A 269 -20.21 36.08 -11.78
C TYR A 269 -19.04 36.25 -12.75
N GLY A 270 -19.37 36.36 -14.03
CA GLY A 270 -18.38 36.52 -15.06
C GLY A 270 -17.41 35.36 -15.12
N PRO A 271 -16.13 35.63 -14.83
CA PRO A 271 -15.13 34.55 -14.81
C PRO A 271 -15.22 33.71 -13.55
N LEU A 272 -15.66 34.32 -12.45
CA LEU A 272 -15.79 33.61 -11.19
C LEU A 272 -16.96 32.63 -11.24
N THR A 273 -16.91 31.64 -10.35
CA THR A 273 -17.98 30.65 -10.24
C THR A 273 -17.90 30.04 -8.84
N SER A 274 -18.80 30.45 -7.96
CA SER A 274 -18.87 29.85 -6.63
C SER A 274 -19.43 28.45 -6.74
N THR A 275 -18.69 27.46 -6.24
CA THR A 275 -19.06 26.06 -6.37
C THR A 275 -19.29 25.47 -4.98
N LEU A 276 -20.40 24.75 -4.83
CA LEU A 276 -20.74 24.06 -3.60
C LEU A 276 -20.56 22.56 -3.79
N TYR A 277 -19.96 21.91 -2.81
CA TYR A 277 -19.67 20.48 -2.86
C TYR A 277 -20.48 19.75 -1.80
N ASP A 278 -21.08 18.62 -2.18
CA ASP A 278 -21.97 17.91 -1.27
C ASP A 278 -21.25 17.34 -0.07
N LEU A 279 -19.93 17.14 -0.15
CA LEU A 279 -19.05 16.85 0.98
C LEU A 279 -19.48 15.62 1.78
N THR A 280 -20.43 14.83 1.28
CA THR A 280 -20.99 13.74 2.07
C THR A 280 -20.02 12.56 2.18
N GLU A 281 -19.96 11.73 1.15
CA GLU A 281 -19.15 10.53 1.19
C GLU A 281 -17.66 10.84 1.05
N ILE A 282 -17.19 11.88 1.72
CA ILE A 282 -15.78 12.29 1.65
C ILE A 282 -15.26 12.59 3.05
N ASP A 283 -15.89 13.55 3.73
CA ASP A 283 -15.42 13.99 5.03
C ASP A 283 -15.56 12.88 6.06
N SER A 284 -14.72 12.95 7.09
CA SER A 284 -14.68 11.92 8.13
C SER A 284 -15.90 12.08 9.05
N SER A 285 -17.02 11.52 8.59
CA SER A 285 -18.25 11.54 9.36
C SER A 285 -18.17 10.55 10.52
N GLY A 286 -18.33 9.26 10.21
CA GLY A 286 -18.24 8.23 11.23
C GLY A 286 -16.82 7.74 11.46
N ASP A 287 -16.64 6.43 11.55
CA ASP A 287 -15.32 5.86 11.77
C ASP A 287 -14.63 5.54 10.45
N ASP A 288 -14.70 4.28 10.02
CA ASP A 288 -14.05 3.86 8.77
C ASP A 288 -14.75 4.41 7.53
N GLN A 289 -15.96 4.96 7.66
CA GLN A 289 -16.71 5.45 6.51
C GLN A 289 -16.05 6.65 5.84
N SER A 290 -15.01 7.22 6.45
CA SER A 290 -14.30 8.33 5.83
C SER A 290 -13.65 7.91 4.51
N LEU A 291 -13.72 8.80 3.52
CA LEU A 291 -13.06 8.50 2.24
C LEU A 291 -11.55 8.63 2.35
N LEU A 292 -11.07 9.61 3.15
CA LEU A 292 -9.64 9.76 3.36
C LEU A 292 -9.05 8.59 4.14
N GLU A 293 -9.87 7.83 4.87
CA GLU A 293 -9.40 6.63 5.53
C GLU A 293 -8.87 5.62 4.53
N LEU A 294 -9.50 5.54 3.36
CA LEU A 294 -9.05 4.60 2.34
C LEU A 294 -7.80 5.08 1.61
N ILE A 295 -7.68 6.40 1.41
CA ILE A 295 -6.54 6.92 0.66
C ILE A 295 -5.24 6.73 1.42
N VAL A 296 -5.29 6.85 2.76
CA VAL A 296 -4.07 6.76 3.55
C VAL A 296 -3.70 5.32 3.88
N THR A 297 -4.66 4.39 3.85
CA THR A 297 -4.37 3.00 4.17
C THR A 297 -4.00 2.17 2.95
N THR A 298 -4.47 2.56 1.77
CA THR A 298 -4.14 1.83 0.56
C THR A 298 -2.68 2.04 0.19
N LYS A 299 -2.19 1.16 -0.67
CA LYS A 299 -0.83 1.26 -1.19
C LYS A 299 -0.76 1.76 -2.62
N LYS A 300 -1.92 2.00 -3.25
CA LYS A 300 -1.93 2.40 -4.65
C LYS A 300 -1.33 3.79 -4.79
N ARG A 301 -0.29 3.90 -5.63
CA ARG A 301 0.42 5.17 -5.80
C ARG A 301 -0.44 6.23 -6.45
N GLU A 302 -1.48 5.84 -7.20
CA GLU A 302 -2.38 6.81 -7.82
C GLU A 302 -3.38 7.39 -6.82
N ALA A 303 -3.53 6.80 -5.64
CA ALA A 303 -4.41 7.37 -4.62
C ALA A 303 -3.82 8.66 -4.04
N ARG A 304 -2.49 8.74 -3.96
CA ARG A 304 -1.84 10.00 -3.58
C ARG A 304 -2.15 11.11 -4.57
N GLN A 305 -2.47 10.77 -5.81
CA GLN A 305 -2.84 11.74 -6.84
C GLN A 305 -4.28 12.22 -6.70
N ILE A 306 -5.07 11.58 -5.85
CA ILE A 306 -6.48 11.97 -5.69
C ILE A 306 -6.60 13.25 -4.87
N LEU A 307 -5.82 13.38 -3.80
CA LEU A 307 -5.98 14.51 -2.89
C LEU A 307 -5.47 15.83 -3.48
N ASP A 308 -5.41 15.91 -4.80
CA ASP A 308 -5.15 17.16 -5.51
C ASP A 308 -6.36 17.67 -6.27
N GLN A 309 -7.50 16.96 -6.19
CA GLN A 309 -8.70 17.38 -6.90
C GLN A 309 -9.31 18.61 -6.22
N THR A 310 -10.22 19.26 -6.94
CA THR A 310 -10.74 20.56 -6.51
C THR A 310 -11.53 20.53 -5.20
N PRO A 311 -12.16 19.42 -4.76
CA PRO A 311 -12.77 19.44 -3.42
C PRO A 311 -11.80 19.05 -2.31
N VAL A 312 -10.96 18.05 -2.57
CA VAL A 312 -10.13 17.50 -1.49
C VAL A 312 -8.96 18.41 -1.19
N LYS A 313 -8.26 18.88 -2.24
CA LYS A 313 -7.06 19.68 -2.04
C LYS A 313 -7.33 20.94 -1.23
N GLU A 314 -8.48 21.58 -1.44
CA GLU A 314 -8.83 22.75 -0.66
C GLU A 314 -9.18 22.37 0.78
N LEU A 315 -9.88 21.26 0.96
CA LEU A 315 -10.30 20.85 2.30
C LEU A 315 -9.11 20.46 3.16
N VAL A 316 -8.21 19.62 2.63
CA VAL A 316 -7.06 19.20 3.39
C VAL A 316 -6.13 20.37 3.70
N SER A 317 -6.16 21.40 2.85
CA SER A 317 -5.40 22.62 3.16
C SER A 317 -6.05 23.38 4.31
N LEU A 318 -7.38 23.43 4.36
CA LEU A 318 -8.06 24.10 5.46
C LEU A 318 -7.87 23.34 6.76
N LYS A 319 -8.05 22.01 6.72
CA LYS A 319 -7.88 21.19 7.92
C LYS A 319 -6.43 21.21 8.42
N TRP A 320 -5.47 21.50 7.56
CA TRP A 320 -4.08 21.53 7.97
C TRP A 320 -3.62 22.91 8.42
N LYS A 321 -4.09 23.97 7.76
CA LYS A 321 -3.73 25.34 8.16
C LYS A 321 -4.19 25.61 9.58
N ARG A 322 -5.48 25.84 9.77
CA ARG A 322 -6.03 25.93 11.11
C ARG A 322 -6.24 24.54 11.70
N TYR A 323 -6.14 24.45 13.02
CA TYR A 323 -6.32 23.21 13.77
C TYR A 323 -5.20 22.20 13.51
N GLY A 324 -4.94 21.90 12.24
CA GLY A 324 -3.93 20.92 11.89
C GLY A 324 -2.52 21.28 12.30
N ARG A 325 -2.02 22.39 11.79
CA ARG A 325 -0.66 22.82 12.12
C ARG A 325 -0.48 23.14 13.60
N PRO A 326 -1.36 23.91 14.28
CA PRO A 326 -1.09 24.26 15.68
C PRO A 326 -1.11 23.08 16.64
N TYR A 327 -2.14 22.23 16.57
CA TYR A 327 -2.26 21.12 17.50
C TYR A 327 -1.07 20.18 17.41
N PHE A 328 -0.49 20.03 16.22
CA PHE A 328 0.67 19.16 16.05
C PHE A 328 1.90 19.76 16.73
N CYS A 329 2.10 21.08 16.59
CA CYS A 329 3.26 21.72 17.21
C CYS A 329 3.18 21.66 18.73
N VAL A 330 1.98 21.64 19.30
CA VAL A 330 1.85 21.47 20.74
C VAL A 330 2.39 20.11 21.17
N LEU A 331 1.96 19.04 20.48
CA LEU A 331 2.51 17.72 20.74
C LEU A 331 4.00 17.68 20.50
N GLY A 332 4.49 18.45 19.53
CA GLY A 332 5.93 18.59 19.35
C GLY A 332 6.60 19.21 20.56
N ALA A 333 6.09 20.36 21.00
CA ALA A 333 6.61 20.98 22.21
C ALA A 333 6.38 20.11 23.43
N ILE A 334 5.34 19.27 23.41
CA ILE A 334 5.09 18.36 24.51
C ILE A 334 6.07 17.20 24.49
N TYR A 335 6.22 16.56 23.32
CA TYR A 335 7.06 15.36 23.25
C TYR A 335 8.54 15.69 23.36
N VAL A 336 8.97 16.82 22.77
CA VAL A 336 10.38 17.17 22.82
C VAL A 336 10.82 17.42 24.26
N LEU A 337 10.00 18.13 25.03
CA LEU A 337 10.33 18.36 26.44
C LEU A 337 10.25 17.08 27.26
N TYR A 338 9.38 16.14 26.86
CA TYR A 338 9.28 14.87 27.56
C TYR A 338 10.57 14.08 27.43
N ILE A 339 11.23 14.17 26.27
CA ILE A 339 12.49 13.46 26.08
C ILE A 339 13.62 14.17 26.82
N ILE A 340 13.59 15.51 26.87
CA ILE A 340 14.60 16.25 27.61
C ILE A 340 14.57 15.87 29.08
N CYS A 341 13.38 15.73 29.66
CA CYS A 341 13.26 15.30 31.04
C CYS A 341 13.84 13.90 31.23
N PHE A 342 13.43 12.96 30.37
CA PHE A 342 14.00 11.62 30.42
C PHE A 342 15.52 11.65 30.25
N THR A 343 16.01 12.52 29.36
CA THR A 343 17.45 12.69 29.21
C THR A 343 18.06 13.36 30.43
N MET A 344 17.33 14.30 31.04
CA MET A 344 17.84 14.99 32.22
C MET A 344 17.95 14.04 33.42
N CYS A 345 17.09 13.03 33.49
CA CYS A 345 17.17 12.03 34.53
C CYS A 345 18.14 10.90 34.17
N CYS A 346 18.28 10.60 32.89
CA CYS A 346 19.27 9.63 32.46
C CYS A 346 20.68 10.14 32.68
N VAL A 347 20.92 11.43 32.39
CA VAL A 347 22.24 12.01 32.63
C VAL A 347 22.54 12.10 34.11
N TYR A 348 21.53 12.10 34.97
CA TYR A 348 21.72 12.12 36.42
C TYR A 348 21.48 10.73 37.01
N ARG A 349 22.25 9.76 36.53
CA ARG A 349 22.18 8.41 37.03
C ARG A 349 22.77 8.31 38.43
N PRO A 350 22.44 7.25 39.17
CA PRO A 350 23.08 7.04 40.48
C PRO A 350 24.58 6.88 40.34
N LEU A 351 25.31 7.26 41.40
CA LEU A 351 26.77 7.35 41.37
C LEU A 351 27.35 6.58 42.54
N LYS A 352 28.24 5.62 42.25
CA LYS A 352 28.92 4.85 43.27
C LYS A 352 30.32 4.52 42.77
N PRO A 353 31.32 4.45 43.67
CA PRO A 353 32.66 4.02 43.26
C PRO A 353 32.73 2.56 42.79
N ARG A 354 33.94 2.01 42.78
CA ARG A 354 34.15 0.67 42.24
C ARG A 354 33.59 -0.41 43.15
N ILE A 355 33.69 -0.20 44.47
CA ILE A 355 33.17 -1.08 45.53
C ILE A 355 34.00 -2.35 45.64
N THR A 356 34.69 -2.72 44.57
CA THR A 356 35.45 -3.95 44.50
C THR A 356 36.93 -3.65 44.38
N ASN A 357 37.75 -4.49 45.00
CA ASN A 357 39.19 -4.45 44.84
C ASN A 357 39.66 -5.01 43.48
N ARG A 358 38.76 -5.13 42.51
CA ARG A 358 39.06 -5.55 41.14
C ARG A 358 39.61 -4.41 40.29
N THR A 359 40.41 -3.53 40.89
CA THR A 359 40.90 -2.37 40.16
C THR A 359 41.92 -2.73 39.09
N ASN A 360 42.49 -3.92 39.14
CA ASN A 360 43.59 -4.26 38.24
C ASN A 360 43.40 -5.58 37.48
N PRO A 361 42.71 -6.61 38.05
CA PRO A 361 42.38 -7.80 37.26
C PRO A 361 41.95 -7.49 35.83
N ARG A 362 42.75 -7.94 34.87
CA ARG A 362 42.67 -7.48 33.48
C ARG A 362 42.80 -5.97 33.45
N ASP A 363 44.04 -5.49 33.35
CA ASP A 363 44.36 -4.06 33.37
C ASP A 363 43.42 -3.24 32.50
N ASN A 364 42.91 -3.85 31.44
CA ASN A 364 41.95 -3.21 30.56
C ASN A 364 40.62 -2.92 31.25
N THR A 365 40.41 -3.43 32.46
CA THR A 365 39.18 -3.14 33.20
C THR A 365 39.12 -1.67 33.57
N LEU A 366 37.95 -1.07 33.38
CA LEU A 366 37.82 0.36 33.61
C LEU A 366 36.47 0.76 34.18
N LEU A 367 35.61 -0.19 34.55
CA LEU A 367 34.25 0.14 34.96
C LEU A 367 34.23 0.75 36.36
N GLN A 368 33.16 1.51 36.63
CA GLN A 368 32.85 2.04 37.96
C GLN A 368 31.33 1.99 38.09
N GLN A 369 30.84 0.91 38.71
CA GLN A 369 29.42 0.59 38.67
C GLN A 369 28.58 1.60 39.47
N LYS A 370 27.26 1.42 39.40
CA LYS A 370 26.31 2.29 40.07
C LYS A 370 26.08 1.78 41.49
N LEU A 371 25.00 2.23 42.13
CA LEU A 371 24.85 2.03 43.58
C LEU A 371 23.64 1.13 43.89
N LEU A 372 23.22 1.21 45.16
CA LEU A 372 22.22 0.32 45.74
C LEU A 372 20.97 0.20 44.88
N GLN A 373 20.33 -0.97 44.96
CA GLN A 373 19.06 -1.19 44.25
C GLN A 373 17.91 -0.44 44.90
N GLU A 374 18.01 -0.12 46.19
CA GLU A 374 16.95 0.63 46.88
C GLU A 374 17.17 2.13 46.69
N ALA A 375 18.22 2.67 47.31
CA ALA A 375 18.58 4.08 47.20
C ALA A 375 17.42 4.99 47.64
N TYR A 376 17.05 4.84 48.90
CA TYR A 376 15.93 5.59 49.46
C TYR A 376 16.32 6.96 49.99
N VAL A 377 17.59 7.37 49.84
CA VAL A 377 17.99 8.70 50.28
C VAL A 377 17.29 9.74 49.42
N THR A 378 16.94 10.86 50.03
CA THR A 378 16.12 11.89 49.38
C THR A 378 16.69 13.27 49.67
N PRO A 379 17.83 13.62 49.07
CA PRO A 379 18.34 14.99 49.15
C PRO A 379 17.86 15.81 47.96
N LYS A 380 18.55 15.66 46.83
CA LYS A 380 18.06 16.15 45.55
C LYS A 380 17.71 15.00 44.60
N ASP A 381 17.80 13.75 45.08
CA ASP A 381 17.39 12.61 44.27
C ASP A 381 15.88 12.57 44.09
N ASP A 382 15.13 13.14 45.03
CA ASP A 382 13.69 13.27 44.85
C ASP A 382 13.35 14.14 43.65
N LEU A 383 14.24 15.07 43.30
CA LEU A 383 14.04 15.84 42.07
C LEU A 383 14.22 14.97 40.84
N ARG A 384 15.21 14.07 40.86
CA ARG A 384 15.39 13.14 39.76
C ARG A 384 14.39 12.00 39.79
N LEU A 385 13.80 11.72 40.96
CA LEU A 385 12.85 10.61 41.07
C LEU A 385 11.55 10.92 40.32
N VAL A 386 11.07 12.16 40.42
CA VAL A 386 9.80 12.50 39.78
C VAL A 386 9.92 12.40 38.26
N GLY A 387 11.10 12.66 37.70
CA GLY A 387 11.27 12.54 36.27
C GLY A 387 11.21 11.09 35.80
N GLU A 388 11.72 10.17 36.62
CA GLU A 388 11.56 8.75 36.32
C GLU A 388 10.09 8.35 36.35
N LEU A 389 9.33 8.93 37.29
CA LEU A 389 7.89 8.72 37.34
C LEU A 389 7.17 9.43 36.20
N VAL A 390 7.80 10.45 35.60
CA VAL A 390 7.25 11.06 34.40
C VAL A 390 7.58 10.21 33.17
N SER A 391 8.73 9.54 33.16
CA SER A 391 9.13 8.74 32.02
C SER A 391 8.40 7.40 31.94
N ILE A 392 7.81 6.93 33.03
CA ILE A 392 7.12 5.64 33.00
C ILE A 392 5.69 5.80 32.47
N VAL A 393 5.02 6.90 32.78
CA VAL A 393 3.65 7.08 32.33
C VAL A 393 3.61 7.40 30.84
N GLY A 394 4.56 8.19 30.36
CA GLY A 394 4.63 8.48 28.93
C GLY A 394 4.83 7.23 28.10
N ALA A 395 5.55 6.24 28.65
CA ALA A 395 5.72 4.98 27.94
C ALA A 395 4.43 4.18 27.92
N VAL A 396 3.72 4.12 29.06
CA VAL A 396 2.50 3.33 29.11
C VAL A 396 1.34 4.06 28.42
N ILE A 397 1.35 5.39 28.40
CA ILE A 397 0.38 6.12 27.59
C ILE A 397 0.56 5.79 26.13
N ILE A 398 1.82 5.75 25.67
CA ILE A 398 2.12 5.29 24.32
C ILE A 398 1.59 3.87 24.12
N LEU A 399 1.88 2.98 25.07
CA LEU A 399 1.38 1.61 24.96
C LEU A 399 -0.15 1.58 25.02
N LEU A 400 -0.75 2.46 25.82
CA LEU A 400 -2.20 2.48 25.90
C LEU A 400 -2.87 3.11 24.69
N VAL A 401 -2.11 3.76 23.81
CA VAL A 401 -2.65 4.34 22.59
C VAL A 401 -2.11 3.70 21.32
N GLU A 402 -1.02 2.93 21.41
CA GLU A 402 -0.46 2.26 20.24
C GLU A 402 -0.68 0.77 20.22
N ILE A 403 -0.68 0.10 21.38
CA ILE A 403 -0.99 -1.33 21.46
C ILE A 403 -2.46 -1.60 21.12
N PRO A 404 -3.40 -0.65 21.32
CA PRO A 404 -4.73 -0.85 20.71
C PRO A 404 -4.71 -0.83 19.19
N ASP A 405 -3.59 -0.44 18.56
CA ASP A 405 -3.46 -0.50 17.11
C ASP A 405 -2.58 -1.69 16.72
N ILE A 406 -3.13 -2.88 16.95
CA ILE A 406 -2.45 -4.12 16.60
C ILE A 406 -2.82 -4.54 15.19
N PHE A 407 -2.85 -3.58 14.27
CA PHE A 407 -3.18 -3.88 12.89
C PHE A 407 -1.98 -4.52 12.21
N ARG A 408 -2.21 -5.64 11.52
CA ARG A 408 -1.12 -6.41 10.95
C ARG A 408 -0.41 -5.62 9.85
N LEU A 409 0.92 -5.70 9.86
CA LEU A 409 1.80 -4.99 8.91
C LEU A 409 1.51 -3.49 9.06
N GLY A 410 1.32 -2.74 7.98
CA GLY A 410 1.01 -1.32 8.08
C GLY A 410 2.19 -0.53 8.58
N VAL A 411 3.36 -1.17 8.62
CA VAL A 411 4.57 -0.54 9.12
C VAL A 411 5.69 -0.75 8.11
N THR A 412 6.94 -0.73 8.58
CA THR A 412 8.09 -0.91 7.73
C THR A 412 8.19 -2.37 7.27
N THR A 418 7.48 2.52 1.77
CA THR A 418 6.48 3.32 1.08
C THR A 418 5.45 3.86 2.07
N ILE A 419 5.22 3.09 3.14
CA ILE A 419 4.23 3.47 4.15
C ILE A 419 4.75 4.68 4.92
N LEU A 420 3.90 5.27 5.76
CA LEU A 420 4.19 6.56 6.37
C LEU A 420 4.75 6.42 7.78
N GLY A 421 3.88 6.47 8.79
CA GLY A 421 4.32 6.48 10.16
C GLY A 421 4.65 5.12 10.75
N GLY A 422 5.05 4.19 9.89
CA GLY A 422 5.38 2.85 10.30
C GLY A 422 6.59 2.76 11.21
N PRO A 423 7.77 3.18 10.70
CA PRO A 423 8.99 3.02 11.51
C PRO A 423 8.94 3.72 12.85
N PHE A 424 8.29 4.89 12.93
CA PHE A 424 8.24 5.62 14.20
C PHE A 424 7.46 4.85 15.25
N HIS A 425 6.29 4.32 14.87
CA HIS A 425 5.53 3.48 15.80
C HIS A 425 6.39 2.36 16.36
N VAL A 426 7.18 1.71 15.50
CA VAL A 426 8.14 0.73 15.98
C VAL A 426 9.17 1.38 16.89
N ILE A 427 9.67 2.55 16.50
CA ILE A 427 10.61 3.29 17.35
C ILE A 427 9.95 3.66 18.68
N ILE A 428 8.67 4.06 18.63
CA ILE A 428 8.01 4.53 19.84
C ILE A 428 7.66 3.36 20.77
N VAL A 429 7.12 2.28 20.22
CA VAL A 429 6.72 1.17 21.08
C VAL A 429 7.93 0.38 21.58
N THR A 430 9.02 0.35 20.82
CA THR A 430 10.25 -0.27 21.33
C THR A 430 10.92 0.61 22.36
N TYR A 431 10.78 1.94 22.23
CA TYR A 431 11.27 2.84 23.26
C TYR A 431 10.48 2.67 24.55
N ALA A 432 9.14 2.60 24.45
CA ALA A 432 8.31 2.42 25.64
C ALA A 432 8.58 1.08 26.30
N PHE A 433 8.70 0.02 25.50
CA PHE A 433 9.05 -1.29 26.05
C PHE A 433 10.44 -1.28 26.68
N MET A 434 11.35 -0.46 26.15
CA MET A 434 12.70 -0.41 26.70
C MET A 434 12.72 0.28 28.05
N VAL A 435 11.91 1.33 28.22
CA VAL A 435 11.83 2.00 29.52
C VAL A 435 11.13 1.11 30.54
N LEU A 436 10.06 0.42 30.12
CA LEU A 436 9.43 -0.55 31.00
C LEU A 436 10.40 -1.65 31.40
N VAL A 437 11.38 -1.94 30.55
CA VAL A 437 12.46 -2.84 30.94
C VAL A 437 13.41 -2.14 31.90
N THR A 438 13.75 -0.87 31.63
CA THR A 438 14.67 -0.14 32.50
C THR A 438 14.09 0.06 33.89
N MET A 439 12.76 0.07 34.03
CA MET A 439 12.16 0.12 35.36
C MET A 439 12.31 -1.23 36.05
N VAL A 440 12.11 -2.33 35.32
CA VAL A 440 12.42 -3.64 35.87
C VAL A 440 13.92 -3.80 36.04
N MET A 441 14.72 -3.20 35.16
CA MET A 441 16.17 -3.23 35.32
C MET A 441 16.63 -2.35 36.46
N ARG A 442 15.88 -1.29 36.77
CA ARG A 442 16.21 -0.46 37.92
C ARG A 442 16.27 -1.27 39.21
N LEU A 443 15.41 -2.28 39.33
CA LEU A 443 15.38 -3.13 40.50
C LEU A 443 16.06 -4.47 40.21
N THR A 444 16.51 -5.12 41.29
CA THR A 444 16.83 -6.54 41.31
C THR A 444 18.14 -6.93 40.59
N ASN A 445 18.39 -6.40 39.40
CA ASN A 445 19.37 -6.98 38.51
C ASN A 445 20.50 -6.01 38.17
N SER A 446 21.56 -6.59 37.60
CA SER A 446 22.68 -5.88 37.00
C SER A 446 23.36 -4.92 37.98
N ASP A 447 24.08 -3.94 37.44
CA ASP A 447 24.78 -2.94 38.24
C ASP A 447 24.58 -1.56 37.63
N GLY A 448 24.68 -1.47 36.31
CA GLY A 448 24.46 -0.23 35.59
C GLY A 448 23.76 -0.48 34.28
N GLU A 449 22.53 -0.98 34.35
CA GLU A 449 21.75 -1.38 33.18
C GLU A 449 21.63 -0.28 32.14
N VAL A 450 22.73 0.00 31.42
CA VAL A 450 22.70 1.01 30.36
C VAL A 450 22.13 0.50 29.06
N VAL A 451 21.93 -0.82 28.94
CA VAL A 451 21.31 -1.36 27.73
C VAL A 451 19.91 -0.77 27.50
N PRO A 452 19.01 -0.74 28.48
CA PRO A 452 17.74 -0.01 28.27
C PRO A 452 17.88 1.50 28.42
N MET A 453 19.00 1.98 28.97
CA MET A 453 19.22 3.42 29.04
C MET A 453 19.67 3.99 27.70
N SER A 454 20.46 3.23 26.93
CA SER A 454 20.98 3.72 25.67
C SER A 454 19.95 3.62 24.55
N PHE A 455 19.24 2.50 24.47
CA PHE A 455 18.24 2.33 23.42
C PHE A 455 17.12 3.35 23.56
N ALA A 456 16.62 3.55 24.77
CA ALA A 456 15.53 4.48 25.02
C ALA A 456 15.97 5.94 24.92
N LEU A 457 17.25 6.21 24.68
CA LEU A 457 17.75 7.58 24.53
C LEU A 457 17.87 7.98 23.06
N VAL A 458 18.49 7.15 22.23
CA VAL A 458 18.59 7.46 20.81
C VAL A 458 17.23 7.37 20.15
N LEU A 459 16.46 6.32 20.47
CA LEU A 459 15.12 6.19 19.90
C LEU A 459 14.21 7.33 20.35
N GLY A 460 14.38 7.79 21.60
CA GLY A 460 13.60 8.91 22.07
C GLY A 460 13.88 10.20 21.33
N TRP A 461 15.13 10.41 20.92
CA TRP A 461 15.49 11.58 20.14
C TRP A 461 15.30 11.37 18.64
N CYS A 462 15.63 10.17 18.12
CA CYS A 462 15.38 9.89 16.72
C CYS A 462 13.89 9.87 16.40
N ASN A 463 13.03 9.72 17.40
CA ASN A 463 11.59 9.74 17.15
C ASN A 463 11.07 11.16 16.91
N VAL A 464 11.73 12.18 17.47
CA VAL A 464 11.30 13.55 17.24
C VAL A 464 11.43 13.95 15.78
N MET A 465 12.14 13.15 14.97
CA MET A 465 12.10 13.31 13.52
C MET A 465 10.71 13.01 12.95
N TYR A 466 9.84 12.36 13.72
CA TYR A 466 8.45 12.21 13.31
C TYR A 466 7.73 13.54 13.32
N PHE A 467 8.06 14.40 14.28
CA PHE A 467 7.47 15.74 14.37
C PHE A 467 8.01 16.69 13.31
N ALA A 468 8.84 16.19 12.39
CA ALA A 468 9.12 16.91 11.15
C ALA A 468 7.84 16.96 10.32
N ARG A 469 7.70 16.02 9.38
CA ARG A 469 6.47 15.83 8.61
C ARG A 469 5.90 17.14 8.07
N GLY A 470 4.88 17.66 8.73
CA GLY A 470 4.29 18.92 8.33
C GLY A 470 5.06 20.12 8.87
N PHE A 471 6.29 20.31 8.40
CA PHE A 471 7.14 21.40 8.85
C PHE A 471 7.92 21.98 7.68
N GLN A 472 7.20 22.29 6.60
CA GLN A 472 7.73 23.08 5.50
C GLN A 472 8.94 22.46 4.82
N MET A 473 10.11 22.59 5.43
CA MET A 473 11.38 22.35 4.75
C MET A 473 11.96 20.96 4.98
N LEU A 474 11.77 20.38 6.16
CA LEU A 474 12.37 19.09 6.47
C LEU A 474 11.36 17.94 6.44
N GLY A 475 10.13 18.21 6.01
CA GLY A 475 9.15 17.16 5.78
C GLY A 475 9.55 16.24 4.64
N PRO A 476 9.72 16.81 3.45
CA PRO A 476 10.29 16.01 2.35
C PRO A 476 11.69 15.50 2.65
N PHE A 477 12.42 16.19 3.53
CA PHE A 477 13.75 15.71 3.93
C PHE A 477 13.64 14.39 4.70
N THR A 478 12.73 14.32 5.67
CA THR A 478 12.66 13.14 6.53
C THR A 478 12.14 11.91 5.78
N ILE A 479 11.24 12.09 4.81
CA ILE A 479 10.81 10.96 3.99
C ILE A 479 11.87 10.60 2.96
N MET A 480 12.73 11.54 2.57
CA MET A 480 13.80 11.22 1.62
C MET A 480 14.87 10.34 2.27
N ILE A 481 15.30 10.69 3.49
CA ILE A 481 16.28 9.86 4.17
C ILE A 481 15.67 8.50 4.53
N GLN A 482 14.35 8.44 4.68
CA GLN A 482 13.68 7.15 4.82
C GLN A 482 13.71 6.37 3.52
N LYS A 483 13.43 7.05 2.39
CA LYS A 483 13.54 6.41 1.08
C LYS A 483 14.98 6.15 0.68
N MET A 484 15.95 6.66 1.45
CA MET A 484 17.36 6.41 1.19
C MET A 484 17.96 5.39 2.15
N ILE A 485 17.43 5.27 3.36
CA ILE A 485 17.95 4.28 4.30
C ILE A 485 17.55 2.88 3.90
N PHE A 486 16.41 2.73 3.22
CA PHE A 486 15.95 1.43 2.77
C PHE A 486 16.45 1.06 1.38
N GLY A 487 16.70 2.06 0.54
CA GLY A 487 17.14 1.80 -0.82
C GLY A 487 18.64 1.74 -1.00
N ASP A 488 19.26 2.90 -1.23
CA ASP A 488 20.68 2.92 -1.57
C ASP A 488 21.56 2.54 -0.39
N LEU A 489 21.13 2.86 0.84
CA LEU A 489 21.95 2.51 2.00
C LEU A 489 21.95 1.01 2.24
N MET A 490 20.80 0.36 2.06
CA MET A 490 20.75 -1.08 2.27
C MET A 490 21.49 -1.83 1.16
N ARG A 491 21.44 -1.32 -0.07
CA ARG A 491 22.30 -1.86 -1.12
C ARG A 491 23.76 -1.77 -0.73
N PHE A 492 24.16 -0.64 -0.15
CA PHE A 492 25.57 -0.39 0.17
C PHE A 492 26.01 -1.17 1.41
N CYS A 493 25.11 -1.32 2.39
CA CYS A 493 25.49 -1.96 3.64
C CYS A 493 25.85 -3.43 3.43
N TRP A 494 25.14 -4.11 2.52
CA TRP A 494 25.43 -5.52 2.27
C TRP A 494 26.78 -5.69 1.59
N LEU A 495 27.04 -4.91 0.54
CA LEU A 495 28.33 -4.98 -0.13
C LEU A 495 29.45 -4.44 0.76
N MET A 496 29.13 -3.55 1.69
CA MET A 496 30.14 -3.05 2.62
C MET A 496 30.57 -4.14 3.60
N ALA A 497 29.61 -4.88 4.16
CA ALA A 497 29.96 -5.97 5.07
C ALA A 497 30.72 -7.08 4.36
N VAL A 498 30.50 -7.25 3.06
CA VAL A 498 31.21 -8.26 2.29
C VAL A 498 32.70 -7.95 2.25
N VAL A 499 33.05 -6.68 2.10
CA VAL A 499 34.44 -6.30 1.88
C VAL A 499 35.24 -6.46 3.17
N ILE A 500 34.73 -5.92 4.28
CA ILE A 500 35.52 -5.85 5.51
C ILE A 500 35.85 -7.23 6.04
N LEU A 501 34.96 -8.20 5.86
CA LEU A 501 35.21 -9.54 6.41
C LEU A 501 36.44 -10.18 5.80
N GLY A 502 36.68 -9.94 4.52
CA GLY A 502 37.91 -10.43 3.90
C GLY A 502 39.14 -9.70 4.38
N PHE A 503 39.01 -8.41 4.68
CA PHE A 503 40.16 -7.63 5.13
C PHE A 503 40.37 -7.75 6.63
N ALA A 504 39.30 -7.64 7.41
CA ALA A 504 39.41 -7.76 8.86
C ALA A 504 39.98 -9.11 9.26
N SER A 505 39.62 -10.17 8.53
CA SER A 505 40.23 -11.47 8.78
C SER A 505 41.69 -11.46 8.36
N ALA A 506 41.99 -10.88 7.19
CA ALA A 506 43.38 -10.74 6.77
C ALA A 506 44.13 -9.78 7.68
N PHE A 507 43.45 -8.76 8.20
CA PHE A 507 44.09 -7.83 9.14
C PHE A 507 44.40 -8.52 10.46
N TYR A 508 43.44 -9.28 10.99
CA TYR A 508 43.69 -10.02 12.21
C TYR A 508 44.80 -11.05 12.03
N ILE A 509 44.78 -11.75 10.90
CA ILE A 509 45.80 -12.77 10.63
C ILE A 509 47.18 -12.15 10.61
N ILE A 510 47.31 -11.00 9.93
CA ILE A 510 48.61 -10.32 9.89
C ILE A 510 48.97 -9.77 11.26
N PHE A 511 47.98 -9.39 12.06
CA PHE A 511 48.23 -8.77 13.36
C PHE A 511 47.73 -9.63 14.52
N GLN A 512 47.68 -10.94 14.34
CA GLN A 512 47.63 -11.88 15.46
C GLN A 512 49.02 -12.39 15.80
N THR A 513 50.06 -11.70 15.35
CA THR A 513 51.44 -12.06 15.62
C THR A 513 52.33 -10.87 15.90
N GLU A 514 51.79 -9.66 15.97
CA GLU A 514 52.53 -8.44 16.28
C GLU A 514 52.09 -7.90 17.62
N ASP A 515 52.74 -6.83 18.07
CA ASP A 515 52.47 -6.30 19.40
C ASP A 515 51.17 -5.49 19.40
N PRO A 516 50.29 -5.71 20.38
CA PRO A 516 49.12 -4.82 20.54
C PRO A 516 49.38 -3.60 21.41
N ASP A 517 50.63 -3.32 21.78
CA ASP A 517 50.94 -2.23 22.68
C ASP A 517 51.21 -0.92 21.95
N GLU A 518 51.90 -0.97 20.81
CA GLU A 518 52.17 0.21 20.01
C GLU A 518 51.33 0.27 18.73
N LEU A 519 50.50 -0.74 18.49
CA LEU A 519 49.60 -0.74 17.34
C LEU A 519 48.41 -1.63 17.65
N GLY A 520 48.43 -2.85 17.15
CA GLY A 520 47.44 -3.84 17.54
C GLY A 520 46.01 -3.41 17.32
N HIS A 521 45.72 -2.79 16.18
CA HIS A 521 44.33 -2.45 15.86
C HIS A 521 43.46 -3.67 15.68
N PHE A 522 44.05 -4.85 15.54
CA PHE A 522 43.32 -6.10 15.36
C PHE A 522 43.92 -7.16 16.29
N TYR A 523 43.78 -6.94 17.60
CA TYR A 523 44.33 -7.88 18.56
C TYR A 523 43.43 -9.10 18.73
N ASP A 524 42.11 -8.89 18.79
CA ASP A 524 41.17 -9.99 18.72
C ASP A 524 40.26 -9.78 17.52
N TYR A 525 39.70 -10.88 17.01
CA TYR A 525 38.91 -10.83 15.79
C TYR A 525 37.73 -9.85 15.85
N PRO A 526 37.03 -9.68 16.98
CA PRO A 526 36.01 -8.61 17.02
C PRO A 526 36.57 -7.22 16.77
N MET A 527 37.67 -6.85 17.44
CA MET A 527 38.28 -5.56 17.17
C MET A 527 38.86 -5.50 15.77
N ALA A 528 39.29 -6.63 15.22
CA ALA A 528 39.70 -6.68 13.83
C ALA A 528 38.58 -6.23 12.91
N LEU A 529 37.36 -6.76 13.13
CA LEU A 529 36.22 -6.31 12.36
C LEU A 529 35.89 -4.86 12.64
N PHE A 530 36.00 -4.44 13.90
CA PHE A 530 35.64 -3.07 14.27
C PHE A 530 36.63 -2.07 13.71
N SER A 531 37.93 -2.33 13.88
CA SER A 531 38.95 -1.39 13.39
C SER A 531 38.97 -1.34 11.86
N THR A 532 38.73 -2.49 11.20
CA THR A 532 38.67 -2.49 9.75
C THR A 532 37.44 -1.74 9.25
N PHE A 533 36.29 -1.98 9.87
CA PHE A 533 35.09 -1.23 9.52
C PHE A 533 35.25 0.25 9.85
N GLU A 534 35.94 0.56 10.95
CA GLU A 534 36.25 1.95 11.28
C GLU A 534 37.05 2.63 10.19
N LEU A 535 37.76 1.88 9.37
CA LEU A 535 38.55 2.43 8.27
C LEU A 535 37.78 2.51 6.96
N PHE A 536 36.63 1.85 6.86
CA PHE A 536 35.79 2.00 5.68
C PHE A 536 35.28 3.43 5.55
N LEU A 537 35.03 4.10 6.67
CA LEU A 537 34.49 5.45 6.68
C LEU A 537 35.52 6.49 7.09
N THR A 538 36.80 6.13 7.12
CA THR A 538 37.90 7.05 7.45
C THR A 538 37.71 7.71 8.80
N ILE A 539 37.11 6.97 9.76
CA ILE A 539 36.86 7.55 11.07
C ILE A 539 38.13 7.60 11.90
N ILE A 540 38.81 6.46 12.05
CA ILE A 540 40.10 6.42 12.73
C ILE A 540 41.18 6.80 11.73
N ASP A 541 42.44 6.80 12.18
CA ASP A 541 43.53 7.38 11.42
C ASP A 541 44.35 6.36 10.64
N GLY A 542 44.01 5.08 10.74
CA GLY A 542 44.76 4.06 10.04
C GLY A 542 46.05 3.70 10.75
N PRO A 543 46.24 2.40 11.01
CA PRO A 543 47.46 1.95 11.70
C PRO A 543 48.71 2.31 10.90
N ALA A 544 49.56 3.13 11.52
CA ALA A 544 50.80 3.56 10.87
C ALA A 544 51.80 4.11 11.88
N ASN A 545 52.47 3.22 12.60
CA ASN A 545 53.52 3.61 13.53
C ASN A 545 54.85 3.70 12.81
N TYR A 546 55.58 4.79 13.07
CA TYR A 546 56.85 5.06 12.38
C TYR A 546 58.06 4.74 13.25
N ASP A 547 57.93 3.74 14.13
CA ASP A 547 59.06 3.20 14.87
C ASP A 547 59.20 1.69 14.69
N VAL A 548 58.34 1.08 13.87
CA VAL A 548 58.31 -0.37 13.71
C VAL A 548 58.48 -0.70 12.24
N ASP A 549 58.90 -1.94 11.98
CA ASP A 549 58.94 -2.51 10.63
C ASP A 549 57.71 -3.38 10.49
N LEU A 550 56.63 -2.78 9.97
CA LEU A 550 55.36 -3.48 9.86
C LEU A 550 55.46 -4.58 8.81
N PRO A 551 54.64 -5.64 8.95
CA PRO A 551 54.55 -6.63 7.88
C PRO A 551 54.08 -5.98 6.59
N PHE A 552 54.94 -5.95 5.56
CA PHE A 552 54.65 -5.22 4.34
C PHE A 552 53.38 -5.71 3.65
N MET A 553 52.84 -6.86 4.04
CA MET A 553 51.51 -7.26 3.58
C MET A 553 50.47 -6.24 4.01
N TYR A 554 50.64 -5.63 5.18
CA TYR A 554 49.72 -4.57 5.61
C TYR A 554 49.78 -3.39 4.66
N SER A 555 50.98 -2.97 4.26
CA SER A 555 51.11 -1.85 3.34
C SER A 555 50.44 -2.13 2.00
N ILE A 556 50.41 -3.40 1.58
CA ILE A 556 49.74 -3.76 0.34
C ILE A 556 48.24 -3.94 0.55
N THR A 557 47.87 -4.66 1.62
CA THR A 557 46.45 -4.88 1.90
C THR A 557 45.72 -3.57 2.17
N TYR A 558 46.39 -2.63 2.84
CA TYR A 558 45.75 -1.36 3.18
C TYR A 558 45.56 -0.49 1.94
N ALA A 559 46.52 -0.54 1.01
CA ALA A 559 46.40 0.26 -0.20
C ALA A 559 45.25 -0.23 -1.07
N ALA A 560 45.16 -1.54 -1.27
CA ALA A 560 44.04 -2.10 -2.03
C ALA A 560 42.72 -1.90 -1.28
N PHE A 561 42.76 -1.91 0.05
CA PHE A 561 41.56 -1.61 0.83
C PHE A 561 41.12 -0.16 0.64
N ALA A 562 42.08 0.74 0.48
CA ALA A 562 41.74 2.15 0.33
C ALA A 562 41.16 2.44 -1.05
N ILE A 563 41.80 1.92 -2.10
CA ILE A 563 41.34 2.22 -3.46
C ILE A 563 39.94 1.67 -3.69
N ILE A 564 39.67 0.45 -3.21
CA ILE A 564 38.37 -0.16 -3.41
C ILE A 564 37.33 0.51 -2.50
N ALA A 565 37.60 0.56 -1.21
CA ALA A 565 36.56 0.94 -0.25
C ALA A 565 36.44 2.45 -0.08
N THR A 566 37.56 3.17 0.00
CA THR A 566 37.50 4.58 0.37
C THR A 566 36.99 5.47 -0.76
N LEU A 567 37.31 5.15 -2.01
CA LEU A 567 36.86 5.97 -3.13
C LEU A 567 35.98 5.21 -4.11
N LEU A 568 36.39 4.03 -4.56
CA LEU A 568 35.57 3.29 -5.52
C LEU A 568 34.23 2.92 -4.90
N MET A 569 34.25 2.28 -3.74
CA MET A 569 33.01 1.86 -3.10
C MET A 569 32.30 3.03 -2.43
N LEU A 570 33.05 3.96 -1.83
CA LEU A 570 32.41 4.97 -1.00
C LEU A 570 31.94 6.17 -1.84
N ASN A 571 32.79 6.68 -2.72
CA ASN A 571 32.39 7.81 -3.55
C ASN A 571 31.26 7.43 -4.51
N LEU A 572 31.15 6.15 -4.86
CA LEU A 572 30.03 5.72 -5.70
C LEU A 572 28.72 5.78 -4.93
N LEU A 573 28.77 5.66 -3.60
CA LEU A 573 27.58 5.88 -2.79
C LEU A 573 27.08 7.31 -2.95
N ILE A 574 27.98 8.27 -3.11
CA ILE A 574 27.58 9.64 -3.42
C ILE A 574 26.87 9.68 -4.77
N ALA A 575 27.47 9.04 -5.79
CA ALA A 575 26.84 9.00 -7.10
C ALA A 575 25.56 8.19 -7.09
N MET A 576 25.50 7.13 -6.28
CA MET A 576 24.26 6.37 -6.17
C MET A 576 23.17 7.18 -5.49
N MET A 577 23.54 7.93 -4.44
CA MET A 577 22.60 8.88 -3.85
C MET A 577 22.33 10.08 -4.76
N GLY A 578 23.19 10.33 -5.76
CA GLY A 578 22.98 11.46 -6.63
C GLY A 578 21.89 11.22 -7.66
N ASP A 579 21.96 10.08 -8.36
CA ASP A 579 20.96 9.77 -9.37
C ASP A 579 19.61 9.51 -8.73
N THR A 580 19.55 8.56 -7.80
CA THR A 580 18.30 8.15 -7.17
C THR A 580 17.69 9.23 -6.27
N HIS A 581 18.22 10.45 -6.21
CA HIS A 581 17.59 11.53 -5.46
C HIS A 581 16.57 12.27 -6.33
N TRP A 582 17.04 12.87 -7.43
CA TRP A 582 16.13 13.60 -8.32
C TRP A 582 15.19 12.68 -9.07
N ARG A 583 15.50 11.38 -9.13
CA ARG A 583 14.53 10.42 -9.66
C ARG A 583 13.28 10.38 -8.80
N VAL A 584 13.41 10.62 -7.49
CA VAL A 584 12.30 10.57 -6.56
C VAL A 584 12.05 11.93 -5.91
N ALA A 585 12.67 12.99 -6.43
CA ALA A 585 12.51 14.32 -5.84
C ALA A 585 11.09 14.86 -5.98
N HIS A 586 10.24 14.18 -6.76
CA HIS A 586 8.84 14.54 -6.90
C HIS A 586 7.93 13.61 -6.14
N GLU A 587 8.14 12.29 -6.26
CA GLU A 587 7.35 11.33 -5.49
C GLU A 587 7.51 11.56 -3.99
N ARG A 588 8.68 12.03 -3.57
CA ARG A 588 8.89 12.37 -2.16
C ARG A 588 7.95 13.48 -1.72
N ASP A 589 7.85 14.54 -2.52
CA ASP A 589 6.93 15.63 -2.19
C ASP A 589 5.48 15.17 -2.23
N GLU A 590 5.12 14.38 -3.24
CA GLU A 590 3.78 13.81 -3.29
C GLU A 590 3.52 12.92 -2.08
N LEU A 591 4.53 12.15 -1.67
CA LEU A 591 4.44 11.40 -0.42
C LEU A 591 4.36 12.33 0.78
N TRP A 592 5.07 13.46 0.72
CA TRP A 592 5.06 14.39 1.84
C TRP A 592 3.69 15.04 2.01
N ARG A 593 3.01 15.33 0.91
CA ARG A 593 1.66 15.87 1.03
C ARG A 593 0.71 14.85 1.63
N ALA A 594 0.87 13.58 1.26
CA ALA A 594 0.04 12.53 1.82
C ALA A 594 0.31 12.37 3.31
N GLN A 595 1.58 12.29 3.70
CA GLN A 595 1.91 12.14 5.12
C GLN A 595 1.56 13.40 5.92
N VAL A 596 1.44 14.55 5.26
CA VAL A 596 0.88 15.72 5.92
C VAL A 596 -0.62 15.59 6.05
N VAL A 597 -1.29 15.13 4.99
CA VAL A 597 -2.73 14.94 5.03
C VAL A 597 -3.10 13.77 5.95
N ALA A 598 -2.34 12.67 5.88
CA ALA A 598 -2.62 11.52 6.73
C ALA A 598 -2.46 11.86 8.20
N THR A 599 -1.41 12.62 8.55
CA THR A 599 -1.26 13.09 9.92
C THR A 599 -2.39 14.05 10.29
N THR A 600 -2.87 14.84 9.33
CA THR A 600 -4.01 15.70 9.58
C THR A 600 -5.28 14.88 9.83
N VAL A 601 -5.35 13.67 9.28
CA VAL A 601 -6.52 12.82 9.49
C VAL A 601 -6.45 12.12 10.85
N MET A 602 -5.24 11.79 11.32
CA MET A 602 -5.10 11.05 12.57
C MET A 602 -5.67 11.83 13.75
N LEU A 603 -5.36 13.14 13.82
CA LEU A 603 -5.79 13.94 14.95
C LEU A 603 -7.31 14.02 15.04
N GLU A 604 -7.98 14.25 13.91
CA GLU A 604 -9.43 14.39 13.91
C GLU A 604 -10.14 13.14 14.43
N ARG A 605 -9.48 11.99 14.41
CA ARG A 605 -10.08 10.75 14.90
C ARG A 605 -9.87 10.59 16.40
N LYS A 606 -8.62 10.58 16.86
CA LYS A 606 -8.31 10.32 18.25
C LYS A 606 -8.46 11.54 19.16
N LEU A 607 -8.81 12.70 18.61
CA LEU A 607 -9.10 13.85 19.44
C LEU A 607 -10.61 13.97 19.66
N PRO A 608 -11.04 14.66 20.73
CA PRO A 608 -12.47 14.77 21.00
C PRO A 608 -13.21 15.68 20.03
N ARG A 609 -14.22 16.38 20.54
CA ARG A 609 -15.06 17.26 19.71
C ARG A 609 -15.14 18.69 20.20
N CYS A 610 -14.84 18.97 21.49
CA CYS A 610 -14.80 20.35 21.95
C CYS A 610 -13.76 21.17 21.19
N LEU A 611 -12.66 20.55 20.80
CA LEU A 611 -11.68 21.14 19.91
C LEU A 611 -11.74 20.46 18.55
N TRP A 612 -11.15 21.11 17.56
CA TRP A 612 -11.13 20.63 16.17
C TRP A 612 -12.56 20.42 15.68
N PRO A 613 -13.27 21.48 15.32
CA PRO A 613 -14.64 21.32 14.83
C PRO A 613 -14.66 20.73 13.42
N ARG A 614 -15.86 20.38 12.98
CA ARG A 614 -16.04 19.78 11.66
C ARG A 614 -15.99 20.85 10.58
N SER A 615 -15.33 20.53 9.48
CA SER A 615 -15.20 21.46 8.37
C SER A 615 -16.48 21.52 7.55
N GLY A 616 -16.78 22.70 7.05
CA GLY A 616 -17.99 22.92 6.28
C GLY A 616 -19.05 23.64 7.09
N ILE A 617 -20.23 23.74 6.47
CA ILE A 617 -21.38 24.40 7.06
C ILE A 617 -22.57 23.45 7.01
N CYS A 618 -23.31 23.39 8.11
CA CYS A 618 -24.49 22.52 8.19
C CYS A 618 -25.50 22.87 7.11
N GLY A 619 -26.01 21.85 6.41
CA GLY A 619 -26.98 22.07 5.37
C GLY A 619 -28.33 22.53 5.89
N ARG A 620 -28.69 22.11 7.11
CA ARG A 620 -29.93 22.56 7.71
C ARG A 620 -29.84 24.06 8.02
N GLU A 621 -30.87 24.58 8.67
CA GLU A 621 -31.07 26.02 8.85
C GLU A 621 -31.15 26.70 7.49
N TYR A 622 -30.13 26.53 6.66
CA TYR A 622 -30.16 27.01 5.28
C TYR A 622 -31.12 26.14 4.46
N GLY A 623 -31.01 26.23 3.14
CA GLY A 623 -31.99 25.57 2.28
C GLY A 623 -31.97 24.06 2.35
N LEU A 624 -30.81 23.47 2.60
CA LEU A 624 -30.69 22.01 2.59
C LEU A 624 -31.08 21.42 3.93
N GLY A 625 -30.50 20.27 4.28
CA GLY A 625 -30.86 19.60 5.51
C GLY A 625 -29.80 18.67 6.08
N ASP A 626 -29.16 19.10 7.17
CA ASP A 626 -28.24 18.27 7.97
C ASP A 626 -26.96 17.87 7.24
N ARG A 627 -26.95 17.97 5.92
CA ARG A 627 -25.74 17.66 5.17
C ARG A 627 -24.70 18.76 5.39
N TRP A 628 -23.50 18.56 4.84
CA TRP A 628 -22.42 19.52 4.95
C TRP A 628 -21.96 19.92 3.55
N PHE A 629 -21.51 21.16 3.42
CA PHE A 629 -21.14 21.70 2.12
C PHE A 629 -19.92 22.59 2.24
N LEU A 630 -19.13 22.65 1.17
CA LEU A 630 -17.88 23.40 1.14
C LEU A 630 -17.94 24.43 0.02
N ARG A 631 -17.48 25.65 0.34
CA ARG A 631 -17.53 26.77 -0.59
C ARG A 631 -16.19 26.91 -1.30
N VAL A 632 -16.23 26.94 -2.63
CA VAL A 632 -15.04 27.07 -3.46
C VAL A 632 -15.37 27.94 -4.67
N GLU A 633 -14.57 28.99 -4.87
CA GLU A 633 -14.63 29.81 -6.07
C GLU A 633 -13.38 29.57 -6.92
N ASP A 634 -13.46 29.96 -8.19
CA ASP A 634 -12.37 29.72 -9.12
C ASP A 634 -12.21 30.95 -10.02
N ARG A 635 -11.61 30.74 -11.19
CA ARG A 635 -11.37 31.82 -12.15
C ARG A 635 -11.17 31.19 -13.52
N GLN A 636 -12.05 31.54 -14.47
CA GLN A 636 -11.89 31.05 -15.84
C GLN A 636 -10.82 31.86 -16.56
N ASP A 637 -11.20 32.51 -17.66
CA ASP A 637 -10.27 33.34 -18.41
C ASP A 637 -11.01 34.50 -19.08
#